data_5EM1
#
_entry.id   5EM1
#
_cell.length_a   32.228
_cell.length_b   58.466
_cell.length_c   60.596
_cell.angle_alpha   90.000
_cell.angle_beta   90.000
_cell.angle_gamma   90.000
#
_symmetry.space_group_name_H-M   'P 21 21 21'
#
loop_
_entity.id
_entity.type
_entity.pdbx_description
1 polymer Profilin
2 non-polymer 'BENZOIC ACID'
3 non-polymer 'CHLORIDE ION'
4 water water
#
_entity_poly.entity_id   1
_entity_poly.type   'polypeptide(L)'
_entity_poly.pdbx_seq_one_letter_code
;GSGSWQTYVDEHLM(CME)DIEGTGQHLASAAIFGTDGNVWA(MLY)SSSFPEF(MLY)PDEINAIIKEFSEPGALAPTG
LFLAGA(MLY)YMVIQGEPGAVIRG(MLY)(MLY)GAGGICI(MLY)(MLY)TGQAMVFGIYEEPVNPGQCNMVVERLGD
YLVDQGM
;
_entity_poly.pdbx_strand_id   A
#
loop_
_chem_comp.id
_chem_comp.type
_chem_comp.name
_chem_comp.formula
BEZ non-polymer 'BENZOIC ACID' 'C7 H6 O2'
CL non-polymer 'CHLORIDE ION' 'Cl -1'
#
# COMPACT_ATOMS: atom_id res chain seq x y z
N GLY A 1 21.02 -3.67 -8.51
CA GLY A 1 19.61 -3.99 -8.26
C GLY A 1 18.97 -4.92 -9.28
N SER A 2 17.76 -5.37 -8.92
CA SER A 2 17.03 -6.35 -9.65
C SER A 2 16.35 -5.78 -10.92
N GLY A 3 15.93 -6.67 -11.76
CA GLY A 3 15.25 -6.34 -12.99
C GLY A 3 13.74 -6.79 -13.00
N SER A 4 13.16 -6.99 -11.80
CA SER A 4 11.75 -7.41 -11.64
C SER A 4 11.12 -6.70 -10.53
N TRP A 5 9.94 -6.17 -10.78
CA TRP A 5 9.12 -5.59 -9.70
C TRP A 5 8.71 -6.56 -8.61
N GLN A 6 8.60 -7.82 -8.91
CA GLN A 6 8.23 -8.83 -7.95
C GLN A 6 9.28 -8.91 -6.84
N THR A 7 10.55 -8.64 -7.14
CA THR A 7 11.58 -8.66 -6.13
C THR A 7 11.28 -7.74 -5.00
N TYR A 8 10.67 -6.59 -5.27
CA TYR A 8 10.40 -5.64 -4.19
C TYR A 8 9.35 -6.16 -3.20
N VAL A 9 8.45 -7.03 -3.69
CA VAL A 9 7.50 -7.73 -2.80
C VAL A 9 8.18 -8.75 -1.99
N ASP A 10 8.88 -9.66 -2.65
CA ASP A 10 9.47 -10.83 -2.02
C ASP A 10 10.63 -10.55 -1.10
N GLU A 11 11.42 -9.51 -1.41
CA GLU A 11 12.67 -9.22 -0.75
C GLU A 11 12.66 -7.90 0.01
N HIS A 12 11.51 -7.24 0.12
CA HIS A 12 11.34 -6.10 0.98
C HIS A 12 9.98 -6.07 1.65
N LEU A 13 8.89 -5.94 0.86
CA LEU A 13 7.58 -5.67 1.46
C LEU A 13 7.17 -6.77 2.42
N MET A 14 7.46 -8.04 2.12
CA MET A 14 6.91 -9.13 2.88
C MET A 14 7.87 -9.62 3.93
N CME A 15 9.02 -8.97 4.08
CA CME A 15 10.04 -9.40 5.06
CB CME A 15 11.36 -8.74 4.71
SG CME A 15 11.99 -9.12 3.10
SD CME A 15 12.46 -11.09 3.17
CE CME A 15 14.24 -11.14 3.56
CZ CME A 15 15.05 -10.77 2.36
OH CME A 15 16.47 -10.88 2.54
C CME A 15 9.65 -9.05 6.45
O CME A 15 8.88 -8.16 6.77
N ASP A 16 10.13 -9.84 7.41
N ASP A 16 10.25 -9.77 7.42
CA ASP A 16 9.80 -9.59 8.79
CA ASP A 16 10.19 -9.47 8.87
C ASP A 16 10.25 -8.13 9.13
C ASP A 16 10.35 -8.00 9.12
N ILE A 17 9.44 -7.48 9.93
CA ILE A 17 9.59 -6.04 10.27
C ILE A 17 10.41 -5.83 11.53
N GLU A 18 11.58 -5.21 11.36
CA GLU A 18 12.44 -4.84 12.49
C GLU A 18 12.63 -5.89 13.55
N GLY A 19 12.90 -7.07 13.11
CA GLY A 19 13.14 -8.17 14.03
C GLY A 19 11.97 -8.53 14.95
N THR A 20 10.77 -8.04 14.66
CA THR A 20 9.61 -8.36 15.51
C THR A 20 9.00 -9.74 15.26
N GLY A 21 9.41 -10.44 14.20
CA GLY A 21 8.74 -11.66 13.83
C GLY A 21 7.40 -11.48 13.14
N GLN A 22 7.02 -10.22 12.88
CA GLN A 22 5.73 -9.90 12.27
C GLN A 22 6.01 -9.42 10.85
N HIS A 23 5.00 -9.56 10.02
CA HIS A 23 5.10 -9.07 8.65
C HIS A 23 3.70 -8.60 8.20
N LEU A 24 3.76 -7.79 7.12
CA LEU A 24 2.58 -7.41 6.47
C LEU A 24 1.74 -8.66 6.14
N ALA A 25 0.45 -8.51 6.12
CA ALA A 25 -0.45 -9.59 5.70
C ALA A 25 -0.28 -9.84 4.20
N SER A 26 -0.19 -8.74 3.41
CA SER A 26 -0.02 -8.88 2.00
C SER A 26 0.49 -7.56 1.48
N ALA A 27 0.95 -7.54 0.24
CA ALA A 27 1.50 -6.35 -0.40
C ALA A 27 1.37 -6.53 -1.89
N ALA A 28 1.42 -5.41 -2.59
CA ALA A 28 1.34 -5.41 -4.06
C ALA A 28 1.85 -4.14 -4.60
N ILE A 29 2.16 -4.12 -5.88
CA ILE A 29 2.58 -2.93 -6.57
C ILE A 29 1.79 -2.84 -7.84
N PHE A 30 1.17 -1.68 -8.08
CA PHE A 30 0.36 -1.39 -9.27
C PHE A 30 1.00 -0.28 -10.08
N GLY A 31 0.86 -0.35 -11.39
CA GLY A 31 1.22 0.79 -12.21
C GLY A 31 0.21 1.91 -12.07
N THR A 32 0.66 3.11 -12.52
CA THR A 32 -0.22 4.26 -12.54
C THR A 32 -1.52 4.02 -13.24
N ASP A 33 -1.54 3.23 -14.33
CA ASP A 33 -2.76 2.94 -15.06
C ASP A 33 -3.65 1.86 -14.44
N GLY A 34 -3.21 1.22 -13.35
CA GLY A 34 -4.03 0.35 -12.53
C GLY A 34 -3.83 -1.13 -12.70
N ASN A 35 -2.87 -1.60 -13.53
CA ASN A 35 -2.64 -3.05 -13.59
C ASN A 35 -1.69 -3.43 -12.50
N VAL A 36 -1.89 -4.64 -11.98
CA VAL A 36 -0.99 -5.19 -10.95
C VAL A 36 0.33 -5.53 -11.63
N TRP A 37 1.45 -5.10 -11.01
CA TRP A 37 2.78 -5.39 -11.48
C TRP A 37 3.53 -6.44 -10.66
N ALA A 38 3.10 -6.63 -9.39
CA ALA A 38 3.74 -7.55 -8.44
C ALA A 38 2.76 -7.70 -7.28
N MLY A 39 2.73 -8.90 -6.66
CA MLY A 39 1.81 -9.13 -5.52
CB MLY A 39 0.38 -9.35 -5.97
CG MLY A 39 0.22 -10.43 -7.03
CD MLY A 39 -1.23 -10.93 -7.16
CE MLY A 39 -1.45 -12.06 -6.10
NZ MLY A 39 -2.87 -12.43 -6.05
CH1 MLY A 39 -3.32 -13.03 -7.34
CH2 MLY A 39 -3.01 -13.37 -4.92
C MLY A 39 2.33 -10.28 -4.70
O MLY A 39 2.97 -11.21 -5.23
N SER A 40 1.95 -10.27 -3.44
CA SER A 40 2.18 -11.38 -2.55
C SER A 40 1.03 -12.37 -2.66
N SER A 41 1.22 -13.59 -2.11
CA SER A 41 0.29 -14.68 -2.37
C SER A 41 -1.06 -14.53 -1.72
N SER A 42 -1.24 -13.72 -0.72
CA SER A 42 -2.52 -13.48 -0.08
C SER A 42 -3.05 -12.03 -0.35
N PHE A 43 -2.48 -11.29 -1.33
CA PHE A 43 -3.03 -10.00 -1.66
C PHE A 43 -4.50 -10.25 -2.09
N PRO A 44 -5.43 -9.39 -1.60
CA PRO A 44 -6.81 -9.73 -1.83
C PRO A 44 -7.31 -9.56 -3.28
N GLU A 45 -8.57 -9.86 -3.48
CA GLU A 45 -9.20 -9.85 -4.77
C GLU A 45 -9.72 -8.43 -5.10
N PHE A 46 -8.81 -7.53 -5.39
CA PHE A 46 -9.12 -6.18 -5.76
C PHE A 46 -9.92 -6.08 -7.04
N MLY A 47 -10.67 -4.99 -7.19
CA MLY A 47 -11.39 -4.71 -8.43
CB MLY A 47 -12.89 -4.89 -8.12
CG MLY A 47 -13.31 -6.36 -7.85
CD MLY A 47 -13.08 -7.32 -9.02
CE MLY A 47 -13.27 -8.82 -8.68
NZ MLY A 47 -13.09 -9.73 -9.83
CH1 MLY A 47 -11.70 -9.66 -10.41
CH2 MLY A 47 -13.35 -11.14 -9.34
C MLY A 47 -11.04 -3.39 -9.00
O MLY A 47 -10.57 -2.48 -8.29
N PRO A 48 -11.31 -3.16 -10.30
CA PRO A 48 -10.87 -1.96 -10.96
C PRO A 48 -11.41 -0.69 -10.40
N ASP A 49 -12.63 -0.69 -9.89
CA ASP A 49 -13.20 0.57 -9.33
C ASP A 49 -12.38 1.01 -8.12
N GLU A 50 -11.96 0.01 -7.36
CA GLU A 50 -11.23 0.28 -6.14
C GLU A 50 -9.86 0.88 -6.41
N ILE A 51 -9.17 0.33 -7.37
CA ILE A 51 -7.85 0.84 -7.71
C ILE A 51 -8.04 2.23 -8.34
N ASN A 52 -9.07 2.42 -9.18
CA ASN A 52 -9.28 3.74 -9.72
C ASN A 52 -9.56 4.80 -8.70
N ALA A 53 -10.32 4.46 -7.68
CA ALA A 53 -10.67 5.40 -6.63
C ALA A 53 -9.40 5.80 -5.90
N ILE A 54 -8.43 4.91 -5.71
CA ILE A 54 -7.17 5.24 -5.10
C ILE A 54 -6.33 6.13 -6.00
N ILE A 55 -6.28 5.82 -7.31
CA ILE A 55 -5.58 6.74 -8.25
C ILE A 55 -6.18 8.12 -8.15
N LYS A 56 -7.50 8.18 -8.10
CA LYS A 56 -8.18 9.50 -7.95
CA LYS A 56 -8.11 9.53 -7.95
C LYS A 56 -7.77 10.21 -6.66
N GLU A 57 -7.64 9.51 -5.56
CA GLU A 57 -7.33 10.12 -4.27
C GLU A 57 -5.91 10.68 -4.30
N PHE A 58 -4.99 10.07 -5.03
CA PHE A 58 -3.61 10.66 -5.14
C PHE A 58 -3.69 12.02 -5.84
N SER A 59 -4.62 12.16 -6.75
CA SER A 59 -4.82 13.42 -7.57
C SER A 59 -5.58 14.44 -6.82
N GLU A 60 -6.52 14.02 -5.97
CA GLU A 60 -7.49 14.86 -5.30
C GLU A 60 -7.74 14.36 -3.90
N PRO A 61 -6.83 14.65 -3.01
CA PRO A 61 -6.92 14.17 -1.67
C PRO A 61 -8.25 14.57 -1.03
N GLY A 62 -8.93 13.69 -0.33
CA GLY A 62 -10.24 13.99 0.22
C GLY A 62 -11.38 13.40 -0.58
N ALA A 63 -11.11 12.89 -1.80
CA ALA A 63 -12.15 12.36 -2.68
C ALA A 63 -12.78 11.08 -2.15
N LEU A 64 -12.02 10.28 -1.40
CA LEU A 64 -12.53 9.06 -0.78
C LEU A 64 -13.36 9.33 0.46
N ALA A 65 -13.34 10.52 1.02
CA ALA A 65 -13.96 10.73 2.33
C ALA A 65 -15.40 10.30 2.50
N PRO A 66 -16.32 10.58 1.59
CA PRO A 66 -17.67 10.15 1.80
C PRO A 66 -17.89 8.67 1.80
N THR A 67 -17.06 7.94 1.08
CA THR A 67 -17.24 6.52 0.87
C THR A 67 -16.38 5.71 1.81
N GLY A 68 -15.16 6.13 2.13
CA GLY A 68 -14.12 5.20 2.60
C GLY A 68 -13.35 4.62 1.43
N LEU A 69 -12.31 3.91 1.79
CA LEU A 69 -11.38 3.23 0.87
C LEU A 69 -11.82 1.75 0.87
N PHE A 70 -12.23 1.26 -0.29
CA PHE A 70 -12.52 -0.15 -0.47
C PHE A 70 -11.41 -0.90 -1.15
N LEU A 71 -11.18 -2.12 -0.67
CA LEU A 71 -10.25 -3.03 -1.36
CA LEU A 71 -10.23 -3.01 -1.38
C LEU A 71 -10.75 -4.43 -1.14
N ALA A 72 -11.05 -5.09 -2.25
CA ALA A 72 -11.68 -6.41 -2.22
C ALA A 72 -12.94 -6.43 -1.36
N GLY A 73 -13.68 -5.34 -1.48
CA GLY A 73 -14.97 -5.14 -0.88
C GLY A 73 -14.88 -4.78 0.61
N ALA A 74 -13.68 -4.74 1.17
CA ALA A 74 -13.51 -4.38 2.63
C ALA A 74 -13.36 -2.88 2.70
N MLY A 75 -14.06 -2.25 3.67
CA MLY A 75 -14.01 -0.82 3.88
CB MLY A 75 -15.37 -0.32 4.31
CG MLY A 75 -15.41 1.18 4.37
CD MLY A 75 -16.81 1.49 4.96
CE MLY A 75 -17.00 2.99 5.09
NZ MLY A 75 -18.39 3.27 5.65
CH1 MLY A 75 -18.47 2.97 7.10
CH2 MLY A 75 -18.60 4.69 5.60
C MLY A 75 -12.98 -0.45 4.91
O MLY A 75 -12.98 -0.91 6.05
N TYR A 76 -12.13 0.48 4.54
CA TYR A 76 -11.17 1.08 5.43
C TYR A 76 -11.53 2.58 5.56
N MET A 77 -11.50 3.07 6.80
CA MET A 77 -11.64 4.50 7.12
C MET A 77 -10.37 5.20 6.82
N VAL A 78 -10.45 6.30 6.09
CA VAL A 78 -9.24 7.02 5.74
C VAL A 78 -8.66 7.73 6.98
N ILE A 79 -7.35 7.62 7.17
CA ILE A 79 -6.62 8.28 8.24
C ILE A 79 -5.59 9.15 7.55
N GLN A 80 -5.08 10.11 8.27
CA GLN A 80 -4.25 11.13 7.66
C GLN A 80 -3.12 10.52 6.84
N GLY A 81 -3.03 10.97 5.60
CA GLY A 81 -1.97 10.56 4.66
C GLY A 81 -1.04 11.75 4.38
N GLU A 82 -0.39 11.72 3.24
CA GLU A 82 0.42 12.82 2.75
C GLU A 82 -0.10 13.10 1.35
N PRO A 83 -0.72 14.24 1.14
CA PRO A 83 -1.34 14.59 -0.09
C PRO A 83 -0.53 14.35 -1.34
N GLY A 84 -1.06 13.53 -2.26
CA GLY A 84 -0.39 13.21 -3.45
C GLY A 84 0.70 12.19 -3.41
N ALA A 85 0.92 11.67 -2.22
CA ALA A 85 2.09 10.87 -1.91
C ALA A 85 1.77 9.55 -1.14
N VAL A 86 0.94 9.60 -0.10
CA VAL A 86 0.69 8.44 0.75
C VAL A 86 -0.79 8.51 1.14
N ILE A 87 -1.45 7.35 0.99
CA ILE A 87 -2.83 7.13 1.43
C ILE A 87 -2.83 6.11 2.50
N ARG A 88 -3.59 6.31 3.58
CA ARG A 88 -3.67 5.36 4.68
C ARG A 88 -5.10 5.11 5.08
N GLY A 89 -5.40 3.85 5.49
CA GLY A 89 -6.71 3.53 5.97
C GLY A 89 -6.68 2.55 7.12
N MLY A 90 -7.73 2.54 7.91
CA MLY A 90 -7.82 1.74 9.11
CB MLY A 90 -7.91 2.70 10.34
CG MLY A 90 -8.08 1.92 11.62
CD MLY A 90 -6.77 1.34 12.06
CE MLY A 90 -7.05 0.53 13.29
NZ MLY A 90 -6.10 -0.52 13.27
CH1 MLY A 90 -4.72 0.02 13.32
CH2 MLY A 90 -6.47 -1.27 14.42
C MLY A 90 -9.03 0.92 9.05
O MLY A 90 -10.14 1.37 8.60
N MLY A 91 -8.95 -0.31 9.49
CA MLY A 91 -10.11 -1.19 9.71
CA MLY A 91 -10.16 -1.04 9.81
CB MLY A 91 -10.25 -2.34 8.71
CB MLY A 91 -10.57 -1.97 8.73
CG MLY A 91 -9.00 -3.17 8.52
CG MLY A 91 -9.62 -3.09 8.47
CD MLY A 91 -9.21 -4.49 7.79
CD MLY A 91 -10.18 -3.99 7.39
CE MLY A 91 -7.91 -5.15 7.98
CE MLY A 91 -9.56 -5.38 7.39
NZ MLY A 91 -7.51 -5.50 6.65
NZ MLY A 91 -10.20 -6.02 6.21
CH1 MLY A 91 -6.10 -5.10 6.69
CH1 MLY A 91 -9.44 -7.17 5.75
CH2 MLY A 91 -7.81 -6.90 6.78
CH2 MLY A 91 -11.59 -6.37 6.58
C MLY A 91 -9.96 -1.70 11.17
O MLY A 91 -8.92 -1.51 11.85
N GLY A 92 -10.91 -2.49 11.63
N GLY A 92 -10.97 -2.36 11.69
CA GLY A 92 -10.90 -2.90 13.04
CA GLY A 92 -10.81 -3.03 12.96
C GLY A 92 -9.71 -3.66 13.57
C GLY A 92 -9.77 -4.09 12.73
N ALA A 93 -9.09 -4.57 12.83
N ALA A 93 -8.80 -4.23 13.58
CA ALA A 93 -7.86 -5.12 13.43
CA ALA A 93 -7.93 -5.36 13.34
C ALA A 93 -6.62 -4.96 12.59
C ALA A 93 -6.85 -5.18 12.28
N GLY A 94 -6.69 -3.98 11.71
CA GLY A 94 -5.54 -3.78 10.80
C GLY A 94 -5.75 -2.52 9.99
N GLY A 95 -5.15 -2.51 8.82
CA GLY A 95 -5.18 -1.31 7.99
C GLY A 95 -4.41 -1.49 6.69
N ILE A 96 -4.23 -0.35 6.01
CA ILE A 96 -3.60 -0.33 4.65
C ILE A 96 -2.80 0.92 4.52
N CYS A 97 -1.80 0.90 3.69
N CYS A 97 -1.68 0.85 3.84
CA CYS A 97 -1.00 2.09 3.43
CA CYS A 97 -0.82 2.02 3.43
C CYS A 97 -0.42 1.94 2.04
C CYS A 97 -0.61 1.91 1.95
N ILE A 98 -0.50 3.05 1.30
CA ILE A 98 -0.23 3.08 -0.14
C ILE A 98 0.68 4.28 -0.48
N MLY A 99 1.82 4.02 -1.10
CA MLY A 99 2.80 5.04 -1.41
CB MLY A 99 4.14 4.61 -0.78
CG MLY A 99 5.41 5.30 -1.32
CD MLY A 99 5.48 6.78 -0.96
CE MLY A 99 6.75 7.37 -1.58
NZ MLY A 99 6.95 8.81 -1.26
CH1 MLY A 99 8.16 9.31 -1.95
CH2 MLY A 99 5.94 9.63 -1.84
C MLY A 99 2.91 5.19 -2.91
O MLY A 99 3.16 4.18 -3.63
N MLY A 100 2.80 6.41 -3.41
CA MLY A 100 2.92 6.67 -4.85
CB MLY A 100 2.11 7.95 -5.15
CG MLY A 100 1.96 8.09 -6.73
CD MLY A 100 1.24 9.34 -7.11
CE MLY A 100 1.14 9.49 -8.63
NZ MLY A 100 2.51 9.28 -9.35
CH1 MLY A 100 2.37 9.24 -10.85
CH2 MLY A 100 3.56 10.36 -9.01
C MLY A 100 4.38 6.88 -5.22
O MLY A 100 5.09 7.62 -4.49
N THR A 101 4.82 6.30 -6.32
CA THR A 101 6.13 6.54 -6.92
C THR A 101 5.90 7.17 -8.32
N GLY A 102 6.97 7.35 -9.07
CA GLY A 102 6.80 7.94 -10.37
C GLY A 102 5.99 7.12 -11.34
N GLN A 103 6.15 5.81 -11.29
CA GLN A 103 5.47 4.88 -12.20
C GLN A 103 4.38 4.02 -11.55
N ALA A 104 4.35 4.00 -10.22
CA ALA A 104 3.63 2.94 -9.57
C ALA A 104 2.97 3.37 -8.26
N MET A 105 2.31 2.43 -7.58
CA MET A 105 1.69 2.60 -6.28
C MET A 105 1.98 1.35 -5.48
N VAL A 106 2.58 1.51 -4.31
CA VAL A 106 3.03 0.40 -3.42
C VAL A 106 2.01 0.24 -2.32
N PHE A 107 1.40 -0.93 -2.22
CA PHE A 107 0.35 -1.26 -1.27
C PHE A 107 0.89 -2.16 -0.21
N GLY A 108 0.63 -1.83 1.06
CA GLY A 108 0.84 -2.74 2.19
C GLY A 108 -0.41 -2.90 3.00
N ILE A 109 -0.77 -4.13 3.38
CA ILE A 109 -1.90 -4.45 4.15
C ILE A 109 -1.45 -5.15 5.38
N TYR A 110 -1.93 -4.74 6.56
CA TYR A 110 -1.45 -5.32 7.80
C TYR A 110 -2.62 -5.64 8.72
N GLU A 111 -2.28 -6.50 9.71
CA GLU A 111 -3.18 -6.91 10.79
C GLU A 111 -2.39 -6.81 12.10
N GLU A 112 -3.14 -6.59 13.18
CA GLU A 112 -2.51 -6.62 14.53
C GLU A 112 -1.73 -7.92 14.63
N PRO A 113 -0.55 -7.86 15.25
CA PRO A 113 -0.08 -6.72 16.03
C PRO A 113 0.73 -5.70 15.31
N VAL A 114 0.79 -5.82 13.98
CA VAL A 114 1.42 -4.75 13.17
C VAL A 114 0.52 -3.50 13.31
N ASN A 115 1.18 -2.33 13.35
CA ASN A 115 0.49 -1.03 13.56
C ASN A 115 0.68 -0.08 12.40
N PRO A 116 -0.11 0.98 12.31
CA PRO A 116 -0.03 1.91 11.16
C PRO A 116 1.40 2.42 10.89
N GLY A 117 2.21 2.66 11.92
CA GLY A 117 3.54 3.21 11.69
C GLY A 117 4.50 2.23 11.06
N GLN A 118 4.31 0.94 11.35
CA GLN A 118 5.12 -0.13 10.78
C GLN A 118 4.81 -0.28 9.30
N CYS A 119 3.55 -0.21 8.95
CA CYS A 119 3.17 -0.24 7.56
C CYS A 119 3.84 0.90 6.83
N ASN A 120 3.74 2.08 7.43
CA ASN A 120 4.25 3.26 6.80
C ASN A 120 5.75 3.16 6.56
N MET A 121 6.49 2.64 7.56
CA MET A 121 7.92 2.55 7.39
CA MET A 121 7.93 2.48 7.41
C MET A 121 8.33 1.58 6.26
N VAL A 122 7.73 0.43 6.18
CA VAL A 122 8.04 -0.56 5.16
C VAL A 122 7.73 -0.02 3.78
N VAL A 123 6.52 0.54 3.59
CA VAL A 123 6.11 0.95 2.25
C VAL A 123 6.82 2.22 1.82
N GLU A 124 7.01 3.15 2.76
CA GLU A 124 7.64 4.44 2.38
C GLU A 124 9.16 4.26 2.12
N ARG A 125 9.84 3.39 2.86
CA ARG A 125 11.27 3.13 2.58
CA ARG A 125 11.27 3.15 2.59
C ARG A 125 11.42 2.60 1.16
N LEU A 126 10.53 1.71 0.76
CA LEU A 126 10.62 1.20 -0.60
C LEU A 126 10.31 2.28 -1.63
N GLY A 127 9.23 3.01 -1.38
CA GLY A 127 8.83 4.02 -2.33
C GLY A 127 9.86 5.13 -2.50
N ASP A 128 10.53 5.48 -1.42
CA ASP A 128 11.58 6.48 -1.54
C ASP A 128 12.74 5.95 -2.42
N TYR A 129 13.13 4.69 -2.26
CA TYR A 129 14.17 4.06 -3.05
C TYR A 129 13.73 4.05 -4.49
N LEU A 130 12.49 3.63 -4.77
CA LEU A 130 12.02 3.56 -6.15
C LEU A 130 12.05 4.92 -6.83
N VAL A 131 11.61 5.95 -6.14
CA VAL A 131 11.65 7.32 -6.74
C VAL A 131 13.10 7.72 -7.05
N ASP A 132 14.00 7.44 -6.11
CA ASP A 132 15.43 7.71 -6.35
C ASP A 132 15.98 6.99 -7.58
N GLN A 133 15.43 5.85 -7.91
CA GLN A 133 15.80 5.10 -9.09
C GLN A 133 15.06 5.45 -10.35
N GLY A 134 14.26 6.50 -10.27
CA GLY A 134 13.49 6.97 -11.41
C GLY A 134 12.23 6.23 -11.71
N MET A 135 11.70 5.53 -10.72
CA MET A 135 10.56 4.64 -10.86
CA MET A 135 10.49 4.75 -10.95
C MET A 135 9.41 5.13 -9.98
C BEZ B . -14.27 -5.17 -14.14
O1 BEZ B . -13.79 -6.33 -14.12
O2 BEZ B . -14.19 -4.38 -15.08
C1 BEZ B . -14.95 -4.64 -12.93
C2 BEZ B . -15.41 -5.56 -11.92
C3 BEZ B . -15.96 -5.04 -10.78
C4 BEZ B . -16.16 -3.68 -10.53
C5 BEZ B . -15.71 -2.80 -11.52
C6 BEZ B . -15.11 -3.31 -12.62
CL CL C . -0.40 -0.35 -15.36
#